data_7VRC
#
_entry.id   7VRC
#
_cell.length_a   47.445
_cell.length_b   63.539
_cell.length_c   118.466
_cell.angle_alpha   90.000
_cell.angle_beta   90.000
_cell.angle_gamma   90.000
#
_symmetry.space_group_name_H-M   'P 21 21 21'
#
loop_
_entity.id
_entity.type
_entity.pdbx_description
1 polymer 'Transcription regulatory protein SNF11'
2 polymer XXYS1_4_G0032080.mRNA.1.CDS.1
3 water water
#
loop_
_entity_poly.entity_id
_entity_poly.type
_entity_poly.pdbx_seq_one_letter_code
_entity_poly.pdbx_strand_id
1 'polypeptide(L)'
;MSSEIAYSNTNTNTENENRNTGAGVDVNTNANANANATANATANATANATAELNLPTVDEQRQYKVQLLLHINSILLARV
IQMNNSLQNNLQNNINNSNNNNIIRIQQLISQFLKRVHANLQCISQINQGVPSAKPLILTPPQLANQQQPPQDILSKLYL
LLARVFEIW
;
A,C
2 'polypeptide(L)' FTAEQSELLKAQITSLKCLVNRKPIPFEFQAVIQKSINHPPDFKRMLLSLSEFARRRQPTD B,D
#
# COMPACT_ATOMS: atom_id res chain seq x y z
N LEU A 55 -11.01 -1.08 33.74
CA LEU A 55 -11.16 0.33 33.40
C LEU A 55 -10.16 0.78 32.32
N PRO A 56 -10.06 0.04 31.21
CA PRO A 56 -8.97 0.32 30.25
C PRO A 56 -9.32 1.55 29.41
N THR A 57 -8.47 2.57 29.48
CA THR A 57 -8.72 3.76 28.69
C THR A 57 -8.57 3.47 27.20
N VAL A 58 -9.05 4.43 26.39
CA VAL A 58 -8.88 4.33 24.95
C VAL A 58 -7.41 4.28 24.60
N ASP A 59 -6.57 4.98 25.36
CA ASP A 59 -5.15 4.97 25.05
C ASP A 59 -4.53 3.62 25.40
N GLU A 60 -5.00 2.99 26.49
CA GLU A 60 -4.52 1.66 26.84
C GLU A 60 -4.98 0.62 25.82
N GLN A 61 -6.27 0.66 25.45
CA GLN A 61 -6.78 -0.22 24.41
C GLN A 61 -5.92 -0.13 23.15
N ARG A 62 -5.63 1.10 22.74
CA ARG A 62 -4.83 1.32 21.54
C ARG A 62 -3.42 0.77 21.70
N GLN A 63 -2.83 0.93 22.88
CA GLN A 63 -1.49 0.38 23.10
C GLN A 63 -1.52 -1.14 23.09
N TYR A 64 -2.56 -1.74 23.68
CA TYR A 64 -2.71 -3.19 23.65
C TYR A 64 -2.81 -3.71 22.22
N LYS A 65 -3.68 -3.08 21.41
CA LYS A 65 -3.80 -3.47 20.01
C LYS A 65 -2.44 -3.44 19.30
N VAL A 66 -1.68 -2.36 19.46
CA VAL A 66 -0.41 -2.25 18.75
C VAL A 66 0.56 -3.30 19.23
N GLN A 67 0.64 -3.50 20.55
CA GLN A 67 1.54 -4.49 21.13
C GLN A 67 1.23 -5.89 20.59
N LEU A 68 -0.05 -6.24 20.54
CA LEU A 68 -0.43 -7.59 20.15
C LEU A 68 -0.17 -7.83 18.67
N LEU A 69 -0.51 -6.86 17.83
CA LEU A 69 -0.19 -6.95 16.41
C LEU A 69 1.32 -7.06 16.19
N LEU A 70 2.13 -6.27 16.91
CA LEU A 70 3.59 -6.35 16.78
C LEU A 70 4.10 -7.71 17.21
N HIS A 71 3.61 -8.22 18.35
CA HIS A 71 4.07 -9.50 18.84
C HIS A 71 3.70 -10.64 17.88
N ILE A 72 2.46 -10.63 17.37
CA ILE A 72 2.06 -11.66 16.40
C ILE A 72 2.93 -11.57 15.14
N ASN A 73 3.23 -10.36 14.69
CA ASN A 73 4.10 -10.20 13.53
C ASN A 73 5.46 -10.84 13.77
N SER A 74 6.03 -10.65 14.97
CA SER A 74 7.34 -11.23 15.26
C SER A 74 7.31 -12.74 15.17
N ILE A 75 6.23 -13.36 15.68
CA ILE A 75 6.08 -14.82 15.62
C ILE A 75 5.90 -15.28 14.17
N LEU A 76 5.02 -14.61 13.43
CA LEU A 76 4.82 -14.88 12.01
C LEU A 76 6.14 -14.82 11.25
N LEU A 77 6.88 -13.71 11.42
CA LEU A 77 8.14 -13.50 10.72
C LEU A 77 9.17 -14.56 11.10
N ALA A 78 9.29 -14.87 12.39
CA ALA A 78 10.16 -15.94 12.83
C ALA A 78 9.77 -17.28 12.17
N ARG A 79 8.46 -17.57 12.09
CA ARG A 79 8.04 -18.83 11.45
C ARG A 79 8.39 -18.86 9.97
N VAL A 80 8.29 -17.71 9.29
CA VAL A 80 8.66 -17.64 7.88
C VAL A 80 10.15 -17.88 7.71
N ILE A 81 10.98 -17.30 8.57
CA ILE A 81 12.42 -17.54 8.47
C ILE A 81 12.71 -19.02 8.65
N GLN A 82 12.03 -19.69 9.59
CA GLN A 82 12.18 -21.13 9.78
C GLN A 82 11.81 -21.89 8.52
N MET A 83 10.60 -21.64 7.99
CA MET A 83 10.11 -22.39 6.82
C MET A 83 10.94 -22.09 5.60
N ASN A 84 11.42 -20.85 5.46
CA ASN A 84 12.26 -20.52 4.33
C ASN A 84 13.58 -21.26 4.37
N ASN A 85 14.28 -21.24 5.52
CA ASN A 85 15.48 -22.07 5.66
C ASN A 85 15.18 -23.51 5.33
N SER A 86 14.02 -24.00 5.78
CA SER A 86 13.64 -25.38 5.51
C SER A 86 13.38 -25.61 4.03
N LEU A 87 12.70 -24.68 3.37
CA LEU A 87 12.46 -24.79 1.93
C LEU A 87 13.78 -24.79 1.16
N GLN A 88 14.71 -23.90 1.53
CA GLN A 88 15.98 -23.83 0.83
C GLN A 88 16.77 -25.13 0.99
N ASN A 89 16.83 -25.69 2.19
CA ASN A 89 17.52 -26.97 2.37
C ASN A 89 16.84 -28.07 1.59
N ASN A 90 15.51 -28.05 1.56
CA ASN A 90 14.76 -29.09 0.86
C ASN A 90 15.05 -29.02 -0.64
N LEU A 91 14.98 -27.82 -1.21
CA LEU A 91 15.33 -27.61 -2.61
C LEU A 91 16.74 -28.10 -2.93
N GLN A 92 17.70 -27.90 -2.01
CA GLN A 92 19.08 -28.24 -2.30
C GLN A 92 19.34 -29.72 -2.12
N ASN A 93 18.65 -30.37 -1.18
CA ASN A 93 18.99 -31.72 -0.79
C ASN A 93 18.08 -32.80 -1.34
N ASN A 94 16.86 -32.47 -1.75
CA ASN A 94 15.90 -33.50 -2.11
C ASN A 94 16.05 -33.94 -3.57
N ILE A 95 15.25 -34.91 -3.99
CA ILE A 95 15.21 -35.39 -5.35
C ILE A 95 13.84 -35.14 -5.95
N ASN A 96 13.78 -35.17 -7.29
CA ASN A 96 12.53 -35.00 -8.05
C ASN A 96 11.76 -33.78 -7.58
N ASN A 97 12.47 -32.66 -7.42
CA ASN A 97 11.75 -31.50 -6.90
C ASN A 97 10.81 -30.88 -7.92
N SER A 98 10.77 -31.41 -9.15
CA SER A 98 9.70 -31.04 -10.08
C SER A 98 8.36 -31.61 -9.63
N ASN A 99 8.38 -32.77 -9.00
CA ASN A 99 7.18 -33.44 -8.52
C ASN A 99 7.30 -33.65 -7.02
N ASN A 100 7.29 -32.53 -6.28
CA ASN A 100 7.37 -32.53 -4.81
C ASN A 100 6.32 -31.56 -4.30
N ASN A 101 5.19 -32.10 -3.86
CA ASN A 101 4.09 -31.27 -3.38
C ASN A 101 4.48 -30.47 -2.15
N ASN A 102 5.39 -31.01 -1.32
CA ASN A 102 5.82 -30.32 -0.11
C ASN A 102 6.39 -28.94 -0.43
N ILE A 103 7.09 -28.83 -1.55
CA ILE A 103 7.72 -27.56 -1.92
C ILE A 103 6.68 -26.49 -2.18
N ILE A 104 5.63 -26.83 -2.95
CA ILE A 104 4.58 -25.88 -3.22
C ILE A 104 3.81 -25.53 -1.94
N ARG A 105 3.55 -26.53 -1.10
CA ARG A 105 2.75 -26.25 0.09
C ARG A 105 3.48 -25.33 1.05
N ILE A 106 4.82 -25.44 1.15
CA ILE A 106 5.58 -24.54 2.01
C ILE A 106 5.52 -23.12 1.47
N GLN A 107 5.71 -22.96 0.16
CA GLN A 107 5.59 -21.63 -0.46
C GLN A 107 4.23 -21.03 -0.19
N GLN A 108 3.16 -21.81 -0.40
CA GLN A 108 1.82 -21.32 -0.10
C GLN A 108 1.70 -20.92 1.37
N LEU A 109 2.22 -21.75 2.27
CA LEU A 109 2.14 -21.42 3.69
C LEU A 109 2.87 -20.13 3.99
N ILE A 110 4.09 -19.97 3.45
CA ILE A 110 4.85 -18.73 3.65
C ILE A 110 4.05 -17.52 3.17
N SER A 111 3.36 -17.68 2.03
CA SER A 111 2.51 -16.62 1.52
C SER A 111 1.42 -16.23 2.52
N GLN A 112 0.75 -17.22 3.12
CA GLN A 112 -0.27 -16.97 4.15
C GLN A 112 0.29 -16.19 5.33
N PHE A 113 1.51 -16.55 5.76
CA PHE A 113 2.10 -15.85 6.89
C PHE A 113 2.43 -14.41 6.52
N LEU A 114 3.00 -14.20 5.33
CA LEU A 114 3.45 -12.86 4.94
C LEU A 114 2.27 -11.95 4.62
N LYS A 115 1.18 -12.49 4.08
CA LYS A 115 -0.05 -11.71 3.94
C LYS A 115 -0.50 -11.15 5.28
N ARG A 116 -0.43 -11.98 6.34
CA ARG A 116 -0.83 -11.54 7.67
C ARG A 116 0.11 -10.46 8.21
N VAL A 117 1.43 -10.61 7.98
CA VAL A 117 2.38 -9.61 8.44
C VAL A 117 2.04 -8.26 7.82
N HIS A 118 1.73 -8.25 6.53
CA HIS A 118 1.38 -7.02 5.84
C HIS A 118 0.07 -6.44 6.37
N ALA A 119 -0.98 -7.27 6.47
CA ALA A 119 -2.25 -6.81 7.02
C ALA A 119 -2.06 -6.23 8.43
N ASN A 120 -1.20 -6.84 9.24
CA ASN A 120 -1.00 -6.34 10.59
C ASN A 120 -0.18 -5.05 10.58
N LEU A 121 0.84 -4.95 9.71
CA LEU A 121 1.60 -3.71 9.57
C LEU A 121 0.69 -2.55 9.18
N GLN A 122 -0.22 -2.79 8.24
CA GLN A 122 -1.10 -1.70 7.79
C GLN A 122 -2.07 -1.29 8.89
N CYS A 123 -2.56 -2.28 9.65
CA CYS A 123 -3.44 -1.95 10.77
C CYS A 123 -2.71 -1.14 11.83
N ILE A 124 -1.48 -1.53 12.18
CA ILE A 124 -0.68 -0.72 13.11
C ILE A 124 -0.58 0.71 12.58
N SER A 125 -0.33 0.85 11.28
CA SER A 125 -0.15 2.17 10.68
C SER A 125 -1.43 2.99 10.79
N GLN A 126 -2.58 2.36 10.51
CA GLN A 126 -3.86 3.04 10.68
C GLN A 126 -4.12 3.38 12.14
N ILE A 127 -3.78 2.48 13.06
CA ILE A 127 -4.00 2.77 14.48
C ILE A 127 -3.18 3.98 14.89
N ASN A 128 -1.91 4.02 14.47
CA ASN A 128 -1.06 5.17 14.77
C ASN A 128 -1.57 6.45 14.14
N GLN A 129 -2.26 6.35 13.00
CA GLN A 129 -2.85 7.52 12.32
C GLN A 129 -4.19 7.94 12.90
N GLY A 130 -4.68 7.30 13.96
CA GLY A 130 -5.98 7.64 14.52
C GLY A 130 -7.17 7.27 13.67
N VAL A 131 -7.01 6.42 12.67
CA VAL A 131 -8.15 6.00 11.85
C VAL A 131 -9.19 5.33 12.74
N PRO A 132 -10.44 5.80 12.74
CA PRO A 132 -11.46 5.20 13.58
C PRO A 132 -11.80 3.79 13.11
N SER A 133 -11.93 2.87 14.07
CA SER A 133 -12.34 1.49 13.78
C SER A 133 -11.37 0.78 12.84
N ALA A 134 -10.08 1.10 12.93
CA ALA A 134 -9.07 0.32 12.24
C ALA A 134 -9.11 -1.13 12.71
N LYS A 135 -9.03 -2.06 11.76
CA LYS A 135 -9.15 -3.48 12.08
C LYS A 135 -8.27 -4.25 11.10
N PRO A 136 -7.58 -5.30 11.54
CA PRO A 136 -6.80 -6.08 10.58
C PRO A 136 -7.72 -6.73 9.56
N LEU A 137 -7.29 -6.72 8.30
CA LEU A 137 -8.06 -7.36 7.25
C LEU A 137 -8.14 -8.87 7.41
N ILE A 138 -7.24 -9.47 8.19
CA ILE A 138 -7.21 -10.92 8.40
C ILE A 138 -7.12 -11.17 9.89
N LEU A 139 -8.13 -11.84 10.44
CA LEU A 139 -8.22 -12.12 11.86
C LEU A 139 -8.23 -13.60 12.15
N THR A 140 -7.83 -14.42 11.20
CA THR A 140 -7.63 -15.84 11.43
C THR A 140 -6.16 -16.21 11.38
N PRO A 141 -5.79 -17.27 12.09
CA PRO A 141 -4.43 -17.76 12.01
C PRO A 141 -4.17 -18.42 10.67
N PRO A 142 -2.91 -18.52 10.25
CA PRO A 142 -2.61 -19.25 9.01
C PRO A 142 -3.01 -20.71 9.11
N GLN A 143 -3.23 -21.30 7.95
CA GLN A 143 -3.74 -22.67 7.79
C GLN A 143 -5.03 -22.91 8.55
N GLN A 152 -2.52 -25.55 21.79
CA GLN A 152 -1.09 -25.73 22.05
C GLN A 152 -0.29 -24.79 21.17
N ASP A 153 -0.81 -24.50 19.98
CA ASP A 153 -0.12 -23.63 19.03
C ASP A 153 -0.37 -22.16 19.42
N ILE A 154 0.71 -21.46 19.73
CA ILE A 154 0.60 -20.13 20.32
C ILE A 154 0.02 -19.13 19.33
N LEU A 155 0.39 -19.23 18.04
CA LEU A 155 -0.18 -18.34 17.03
C LEU A 155 -1.70 -18.41 17.00
N SER A 156 -2.26 -19.62 17.16
CA SER A 156 -3.70 -19.74 17.06
C SER A 156 -4.39 -19.13 18.27
N LYS A 157 -3.83 -19.30 19.48
CA LYS A 157 -4.33 -18.62 20.66
C LYS A 157 -4.26 -17.10 20.53
N LEU A 158 -3.17 -16.59 19.94
CA LEU A 158 -3.02 -15.14 19.83
C LEU A 158 -3.94 -14.54 18.77
N TYR A 159 -4.27 -15.30 17.73
CA TYR A 159 -5.21 -14.76 16.75
C TYR A 159 -6.64 -14.75 17.30
N LEU A 160 -6.97 -15.72 18.14
CA LEU A 160 -8.25 -15.67 18.84
C LEU A 160 -8.34 -14.43 19.74
N LEU A 161 -7.29 -14.17 20.52
CA LEU A 161 -7.26 -12.96 21.35
C LEU A 161 -7.34 -11.70 20.49
N LEU A 162 -6.62 -11.69 19.36
CA LEU A 162 -6.68 -10.58 18.42
C LEU A 162 -8.10 -10.33 17.94
N ALA A 163 -8.77 -11.38 17.44
CA ALA A 163 -10.17 -11.24 17.03
C ALA A 163 -11.04 -10.69 18.16
N ARG A 164 -10.86 -11.20 19.39
CA ARG A 164 -11.69 -10.73 20.50
C ARG A 164 -11.44 -9.26 20.80
N VAL A 165 -10.18 -8.84 20.77
CA VAL A 165 -9.82 -7.44 21.03
C VAL A 165 -10.51 -6.53 20.04
N PHE A 166 -10.53 -6.91 18.76
CA PHE A 166 -11.13 -6.07 17.75
C PHE A 166 -12.64 -6.25 17.63
N GLU A 167 -13.23 -7.20 18.38
CA GLU A 167 -14.68 -7.24 18.56
C GLU A 167 -15.14 -6.42 19.75
N ILE A 168 -14.40 -6.46 20.86
CA ILE A 168 -14.90 -5.87 22.10
C ILE A 168 -14.46 -4.40 22.23
N TRP A 169 -13.24 -4.08 21.80
CA TRP A 169 -12.85 -2.67 21.71
C TRP A 169 -13.09 -2.18 20.28
N PHE B 1 3.78 6.29 20.78
CA PHE B 1 4.41 5.17 20.09
C PHE B 1 5.87 5.05 20.54
N THR B 2 6.11 4.16 21.49
CA THR B 2 7.37 4.12 22.22
C THR B 2 8.55 3.86 21.28
N ALA B 3 9.74 4.14 21.78
CA ALA B 3 10.94 3.94 20.99
C ALA B 3 11.17 2.46 20.69
N GLU B 4 10.87 1.58 21.65
CA GLU B 4 11.01 0.15 21.40
C GLU B 4 10.02 -0.33 20.35
N GLN B 5 8.77 0.12 20.44
CA GLN B 5 7.77 -0.24 19.44
C GLN B 5 8.19 0.22 18.06
N SER B 6 8.73 1.44 17.96
CA SER B 6 9.16 1.95 16.68
C SER B 6 10.39 1.21 16.16
N GLU B 7 11.24 0.75 17.07
CA GLU B 7 12.38 -0.07 16.68
C GLU B 7 11.94 -1.41 16.12
N LEU B 8 10.93 -2.02 16.74
CA LEU B 8 10.44 -3.31 16.27
C LEU B 8 9.73 -3.14 14.92
N LEU B 9 8.94 -2.07 14.80
CA LEU B 9 8.20 -1.79 13.58
C LEU B 9 9.12 -1.72 12.37
N LYS B 10 10.24 -1.00 12.49
CA LYS B 10 11.15 -0.89 11.36
C LYS B 10 11.88 -2.21 11.10
N ALA B 11 12.24 -2.95 12.16
CA ALA B 11 12.76 -4.29 11.93
C ALA B 11 11.77 -5.17 11.17
N GLN B 12 10.46 -5.04 11.46
CA GLN B 12 9.48 -5.92 10.81
C GLN B 12 9.26 -5.52 9.36
N ILE B 13 9.13 -4.21 9.10
CA ILE B 13 8.99 -3.72 7.73
C ILE B 13 10.19 -4.12 6.88
N THR B 14 11.40 -3.94 7.42
CA THR B 14 12.60 -4.33 6.69
C THR B 14 12.62 -5.82 6.41
N SER B 15 12.30 -6.62 7.43
CA SER B 15 12.30 -8.07 7.25
C SER B 15 11.28 -8.49 6.20
N LEU B 16 10.09 -7.87 6.22
CA LEU B 16 9.08 -8.19 5.21
C LEU B 16 9.61 -7.89 3.81
N LYS B 17 10.21 -6.71 3.63
CA LYS B 17 10.85 -6.37 2.36
C LYS B 17 11.89 -7.41 1.97
N CYS B 18 12.88 -7.63 2.83
CA CYS B 18 13.91 -8.62 2.56
C CYS B 18 13.30 -9.96 2.17
N LEU B 19 12.27 -10.40 2.90
CA LEU B 19 11.63 -11.66 2.57
C LEU B 19 11.02 -11.64 1.17
N VAL B 20 10.17 -10.64 0.88
CA VAL B 20 9.48 -10.64 -0.40
C VAL B 20 10.44 -10.43 -1.57
N ASN B 21 11.62 -9.86 -1.32
CA ASN B 21 12.65 -9.66 -2.33
C ASN B 21 13.68 -10.78 -2.36
N ARG B 22 13.46 -11.84 -1.57
CA ARG B 22 14.39 -12.98 -1.51
C ARG B 22 15.80 -12.54 -1.14
N LYS B 23 15.89 -11.55 -0.28
CA LYS B 23 17.12 -11.00 0.30
C LYS B 23 17.26 -11.47 1.74
N PRO B 24 18.48 -11.73 2.19
CA PRO B 24 18.68 -12.06 3.61
C PRO B 24 18.28 -10.89 4.49
N ILE B 25 17.75 -11.22 5.66
CA ILE B 25 17.43 -10.20 6.65
C ILE B 25 18.71 -9.90 7.41
N PRO B 26 19.21 -8.67 7.37
CA PRO B 26 20.38 -8.33 8.19
C PRO B 26 20.16 -8.76 9.62
N PHE B 27 21.24 -9.20 10.28
CA PHE B 27 21.13 -9.86 11.57
C PHE B 27 20.63 -8.95 12.67
N GLU B 28 20.80 -7.62 12.55
CA GLU B 28 20.31 -6.76 13.63
C GLU B 28 18.80 -6.84 13.76
N PHE B 29 18.10 -7.01 12.66
CA PHE B 29 16.65 -7.03 12.72
C PHE B 29 16.12 -8.36 13.24
N GLN B 30 16.79 -9.47 12.88
CA GLN B 30 16.41 -10.76 13.46
C GLN B 30 16.48 -10.72 14.98
N ALA B 31 17.51 -10.07 15.52
CA ALA B 31 17.66 -9.98 16.97
C ALA B 31 16.58 -9.10 17.58
N VAL B 32 16.21 -8.01 16.92
CA VAL B 32 15.10 -7.19 17.39
C VAL B 32 13.83 -8.04 17.47
N ILE B 33 13.59 -8.83 16.43
CA ILE B 33 12.40 -9.67 16.39
C ILE B 33 12.48 -10.78 17.44
N GLN B 34 13.66 -11.37 17.64
CA GLN B 34 13.78 -12.43 18.64
C GLN B 34 13.57 -11.87 20.05
N LYS B 35 14.06 -10.65 20.30
CA LYS B 35 13.76 -9.95 21.54
C LYS B 35 12.25 -9.80 21.73
N SER B 36 11.54 -9.37 20.68
CA SER B 36 10.09 -9.21 20.75
C SER B 36 9.42 -10.52 21.18
N ILE B 37 9.86 -11.62 20.58
CA ILE B 37 9.26 -12.92 20.88
C ILE B 37 9.46 -13.28 22.34
N ASN B 38 10.63 -12.97 22.89
CA ASN B 38 10.96 -13.40 24.23
C ASN B 38 10.44 -12.47 25.32
N HIS B 39 9.83 -11.37 24.93
CA HIS B 39 9.24 -10.41 25.86
C HIS B 39 7.86 -10.04 25.34
N PRO B 40 6.88 -10.92 25.53
CA PRO B 40 5.54 -10.69 24.98
C PRO B 40 4.75 -9.71 25.84
N PRO B 41 3.74 -9.03 25.29
CA PRO B 41 2.94 -8.11 26.09
C PRO B 41 2.18 -8.85 27.19
N ASP B 42 1.62 -8.08 28.11
CA ASP B 42 0.88 -8.66 29.24
C ASP B 42 -0.52 -9.08 28.80
N PHE B 43 -0.61 -10.29 28.24
CA PHE B 43 -1.88 -10.81 27.76
C PHE B 43 -2.91 -10.92 28.88
N LYS B 44 -2.46 -11.06 30.14
CA LYS B 44 -3.37 -11.21 31.28
C LYS B 44 -4.24 -9.98 31.48
N ARG B 45 -3.62 -8.82 31.68
CA ARG B 45 -4.40 -7.59 31.84
C ARG B 45 -5.28 -7.35 30.62
N MET B 46 -4.80 -7.72 29.43
CA MET B 46 -5.68 -7.69 28.25
C MET B 46 -6.92 -8.52 28.48
N LEU B 47 -6.82 -9.59 29.28
CA LEU B 47 -7.97 -10.45 29.56
C LEU B 47 -8.95 -9.78 30.52
N LEU B 48 -8.44 -9.12 31.56
CA LEU B 48 -9.29 -8.30 32.42
C LEU B 48 -10.24 -7.47 31.56
N SER B 49 -9.68 -6.73 30.60
CA SER B 49 -10.44 -6.15 29.49
C SER B 49 -11.48 -5.15 29.92
N ASN C 54 7.91 -4.91 -37.06
CA ASN C 54 8.44 -3.65 -36.55
C ASN C 54 7.49 -3.07 -35.49
N LEU C 55 7.15 -3.88 -34.50
CA LEU C 55 6.09 -3.57 -33.54
C LEU C 55 6.67 -3.02 -32.25
N PRO C 56 5.82 -2.46 -31.37
CA PRO C 56 6.34 -2.00 -30.07
C PRO C 56 6.87 -3.18 -29.27
N THR C 57 8.09 -3.03 -28.79
CA THR C 57 8.68 -4.08 -27.97
C THR C 57 8.02 -4.13 -26.60
N VAL C 58 8.35 -5.18 -25.85
CA VAL C 58 7.83 -5.30 -24.50
C VAL C 58 8.32 -4.14 -23.64
N ASP C 59 9.51 -3.62 -23.95
CA ASP C 59 10.07 -2.50 -23.20
C ASP C 59 9.39 -1.17 -23.58
N GLU C 60 9.06 -0.99 -24.86
CA GLU C 60 8.26 0.16 -25.25
C GLU C 60 6.87 0.09 -24.66
N GLN C 61 6.23 -1.08 -24.66
CA GLN C 61 4.91 -1.21 -24.06
C GLN C 61 4.94 -0.78 -22.60
N ARG C 62 5.92 -1.27 -21.85
CA ARG C 62 6.01 -0.93 -20.43
C ARG C 62 6.24 0.56 -20.23
N GLN C 63 7.06 1.16 -21.09
CA GLN C 63 7.26 2.61 -21.03
C GLN C 63 5.97 3.37 -21.30
N TYR C 64 5.21 2.95 -22.33
CA TYR C 64 3.92 3.56 -22.60
C TYR C 64 3.01 3.50 -21.37
N LYS C 65 2.89 2.32 -20.77
CA LYS C 65 2.04 2.15 -19.60
C LYS C 65 2.41 3.13 -18.49
N VAL C 66 3.70 3.18 -18.15
CA VAL C 66 4.18 4.06 -17.08
C VAL C 66 3.96 5.53 -17.45
N GLN C 67 4.23 5.90 -18.70
CA GLN C 67 3.99 7.28 -19.12
C GLN C 67 2.52 7.66 -18.99
N LEU C 68 1.64 6.75 -19.42
CA LEU C 68 0.21 7.02 -19.38
C LEU C 68 -0.29 7.15 -17.94
N LEU C 69 0.10 6.21 -17.08
CA LEU C 69 -0.33 6.26 -15.68
C LEU C 69 0.16 7.55 -15.01
N LEU C 70 1.43 7.89 -15.23
CA LEU C 70 2.02 9.12 -14.72
C LEU C 70 1.27 10.34 -15.21
N HIS C 71 0.95 10.38 -16.51
CA HIS C 71 0.31 11.58 -17.03
C HIS C 71 -1.11 11.70 -16.51
N ILE C 72 -1.86 10.58 -16.47
CA ILE C 72 -3.19 10.62 -15.86
C ILE C 72 -3.11 11.15 -14.43
N ASN C 73 -2.12 10.68 -13.65
CA ASN C 73 -1.98 11.11 -12.26
C ASN C 73 -1.77 12.63 -12.17
N SER C 74 -0.97 13.20 -13.08
CA SER C 74 -0.75 14.64 -13.00
C SER C 74 -2.04 15.42 -13.26
N ILE C 75 -2.82 14.99 -14.26
CA ILE C 75 -4.14 15.59 -14.50
C ILE C 75 -5.07 15.37 -13.29
N LEU C 76 -5.09 14.16 -12.72
CA LEU C 76 -5.92 13.94 -11.53
C LEU C 76 -5.49 14.85 -10.38
N LEU C 77 -4.19 14.87 -10.07
CA LEU C 77 -3.69 15.69 -8.98
C LEU C 77 -4.02 17.17 -9.18
N ALA C 78 -3.77 17.68 -10.39
CA ALA C 78 -4.03 19.08 -10.67
C ALA C 78 -5.51 19.41 -10.55
N ARG C 79 -6.39 18.46 -10.93
CA ARG C 79 -7.81 18.68 -10.74
C ARG C 79 -8.15 18.74 -9.24
N VAL C 80 -7.54 17.86 -8.43
CA VAL C 80 -7.75 17.94 -6.99
C VAL C 80 -7.28 19.29 -6.46
N ILE C 81 -6.15 19.78 -6.96
CA ILE C 81 -5.69 21.09 -6.50
C ILE C 81 -6.69 22.17 -6.88
N GLN C 82 -7.21 22.14 -8.12
CA GLN C 82 -8.23 23.11 -8.53
C GLN C 82 -9.46 23.02 -7.64
N MET C 83 -9.90 21.80 -7.37
CA MET C 83 -11.11 21.61 -6.60
C MET C 83 -10.91 22.05 -5.15
N ASN C 84 -9.69 21.92 -4.62
CA ASN C 84 -9.40 22.47 -3.30
C ASN C 84 -9.51 23.99 -3.27
N ASN C 85 -9.11 24.65 -4.36
CA ASN C 85 -9.33 26.09 -4.45
C ASN C 85 -10.82 26.39 -4.39
N SER C 86 -11.64 25.59 -5.08
CA SER C 86 -13.10 25.73 -5.01
C SER C 86 -13.61 25.40 -3.62
N LEU C 87 -13.01 24.41 -2.94
CA LEU C 87 -13.36 24.16 -1.55
C LEU C 87 -13.11 25.39 -0.71
N GLN C 88 -11.91 25.97 -0.84
CA GLN C 88 -11.58 27.16 -0.06
C GLN C 88 -12.53 28.32 -0.39
N ASN C 89 -12.90 28.48 -1.66
CA ASN C 89 -13.86 29.52 -2.00
C ASN C 89 -15.18 29.29 -1.28
N ASN C 90 -15.66 28.05 -1.25
CA ASN C 90 -16.95 27.75 -0.62
C ASN C 90 -16.87 27.95 0.88
N LEU C 91 -15.78 27.47 1.49
CA LEU C 91 -15.61 27.58 2.94
C LEU C 91 -15.56 29.03 3.39
N GLN C 92 -14.58 29.80 2.91
CA GLN C 92 -14.43 31.13 3.50
C GLN C 92 -15.51 32.12 3.06
N ASN C 93 -16.19 31.90 1.94
CA ASN C 93 -17.15 32.87 1.46
C ASN C 93 -18.59 32.36 1.50
N ASN C 94 -18.86 31.43 2.40
CA ASN C 94 -20.18 30.83 2.55
C ASN C 94 -21.09 31.77 3.35
N ILE C 95 -22.26 32.06 2.78
CA ILE C 95 -23.31 32.81 3.48
C ILE C 95 -24.19 31.80 4.19
N ASN C 96 -24.12 31.79 5.54
CA ASN C 96 -24.81 30.81 6.39
C ASN C 96 -24.31 29.43 6.00
N ASN C 97 -25.17 28.55 5.49
CA ASN C 97 -24.88 27.13 5.32
C ASN C 97 -25.24 26.68 3.91
N SER C 98 -25.37 27.63 2.99
CA SER C 98 -25.90 27.36 1.66
C SER C 98 -24.84 26.83 0.70
N ASN C 99 -23.56 26.82 1.08
CA ASN C 99 -22.52 26.06 0.38
C ASN C 99 -22.31 24.67 0.97
N ASN C 100 -23.08 24.28 2.00
CA ASN C 100 -22.64 23.13 2.80
C ASN C 100 -22.71 21.82 2.04
N ASN C 101 -23.70 21.65 1.17
CA ASN C 101 -23.71 20.40 0.42
C ASN C 101 -22.74 20.43 -0.75
N ASN C 102 -22.57 21.58 -1.41
CA ASN C 102 -21.52 21.66 -2.44
C ASN C 102 -20.16 21.32 -1.85
N ILE C 103 -19.89 21.76 -0.62
CA ILE C 103 -18.64 21.41 0.04
C ILE C 103 -18.51 19.90 0.20
N ILE C 104 -19.58 19.24 0.64
CA ILE C 104 -19.54 17.80 0.84
C ILE C 104 -19.34 17.09 -0.50
N ARG C 105 -19.99 17.58 -1.55
CA ARG C 105 -19.90 16.90 -2.84
C ARG C 105 -18.52 17.08 -3.47
N ILE C 106 -17.89 18.24 -3.28
CA ILE C 106 -16.53 18.42 -3.79
C ILE C 106 -15.57 17.46 -3.09
N GLN C 107 -15.69 17.31 -1.77
CA GLN C 107 -14.80 16.39 -1.04
C GLN C 107 -14.99 14.94 -1.48
N GLN C 108 -16.22 14.56 -1.82
CA GLN C 108 -16.44 13.21 -2.33
C GLN C 108 -15.81 13.06 -3.72
N LEU C 109 -15.88 14.10 -4.55
CA LEU C 109 -15.21 14.08 -5.83
C LEU C 109 -13.71 13.90 -5.65
N ILE C 110 -13.12 14.72 -4.78
CA ILE C 110 -11.69 14.65 -4.50
C ILE C 110 -11.28 13.24 -4.10
N SER C 111 -12.15 12.55 -3.37
CA SER C 111 -11.86 11.18 -2.96
C SER C 111 -11.84 10.22 -4.14
N GLN C 112 -12.73 10.42 -5.12
CA GLN C 112 -12.70 9.58 -6.32
C GLN C 112 -11.40 9.77 -7.07
N PHE C 113 -10.92 11.01 -7.15
CA PHE C 113 -9.69 11.31 -7.87
C PHE C 113 -8.49 10.72 -7.17
N LEU C 114 -8.40 10.89 -5.84
CA LEU C 114 -7.21 10.47 -5.11
C LEU C 114 -7.13 8.95 -5.03
N LYS C 115 -8.27 8.25 -4.95
CA LYS C 115 -8.27 6.79 -5.03
C LYS C 115 -7.69 6.32 -6.36
N ARG C 116 -7.95 7.05 -7.44
CA ARG C 116 -7.39 6.69 -8.74
C ARG C 116 -5.88 6.94 -8.77
N VAL C 117 -5.44 8.11 -8.28
CA VAL C 117 -4.00 8.38 -8.15
C VAL C 117 -3.32 7.26 -7.38
N HIS C 118 -3.94 6.81 -6.30
CA HIS C 118 -3.34 5.76 -5.51
C HIS C 118 -3.25 4.46 -6.31
N ALA C 119 -4.35 4.06 -6.94
CA ALA C 119 -4.33 2.82 -7.72
C ALA C 119 -3.27 2.89 -8.81
N ASN C 120 -3.11 4.06 -9.43
CA ASN C 120 -2.14 4.22 -10.52
C ASN C 120 -0.70 4.17 -10.00
N LEU C 121 -0.43 4.79 -8.84
CA LEU C 121 0.89 4.69 -8.22
C LEU C 121 1.24 3.24 -7.89
N GLN C 122 0.27 2.48 -7.36
CA GLN C 122 0.53 1.06 -7.06
C GLN C 122 0.88 0.29 -8.32
N CYS C 123 0.13 0.54 -9.41
CA CYS C 123 0.43 -0.13 -10.67
C CYS C 123 1.79 0.28 -11.24
N ILE C 124 2.12 1.56 -11.22
CA ILE C 124 3.44 2.00 -11.68
C ILE C 124 4.53 1.27 -10.90
N SER C 125 4.36 1.18 -9.58
CA SER C 125 5.32 0.48 -8.74
C SER C 125 5.45 -0.99 -9.15
N GLN C 126 4.31 -1.67 -9.32
CA GLN C 126 4.33 -3.08 -9.75
C GLN C 126 5.01 -3.26 -11.10
N ILE C 127 4.72 -2.35 -12.03
CA ILE C 127 5.32 -2.43 -13.36
C ILE C 127 6.83 -2.29 -13.26
N ASN C 128 7.29 -1.27 -12.52
CA ASN C 128 8.73 -1.09 -12.32
C ASN C 128 9.36 -2.28 -11.59
N GLN C 129 8.63 -2.92 -10.67
CA GLN C 129 9.08 -4.15 -10.02
C GLN C 129 9.01 -5.38 -10.92
N GLY C 130 8.54 -5.26 -12.16
CA GLY C 130 8.47 -6.41 -13.04
C GLY C 130 7.32 -7.37 -12.82
N VAL C 131 6.28 -6.97 -12.09
CA VAL C 131 5.16 -7.87 -11.81
C VAL C 131 4.45 -8.24 -13.10
N PRO C 132 4.39 -9.53 -13.46
CA PRO C 132 3.68 -9.92 -14.68
C PRO C 132 2.21 -9.57 -14.59
N SER C 133 1.67 -8.99 -15.67
CA SER C 133 0.25 -8.68 -15.78
C SER C 133 -0.21 -7.71 -14.68
N ALA C 134 0.67 -6.79 -14.27
CA ALA C 134 0.22 -5.68 -13.43
C ALA C 134 -0.87 -4.90 -14.15
N LYS C 135 -1.82 -4.39 -13.39
CA LYS C 135 -2.98 -3.77 -14.00
C LYS C 135 -3.60 -2.84 -12.97
N PRO C 136 -3.96 -1.61 -13.33
CA PRO C 136 -4.58 -0.73 -12.33
C PRO C 136 -5.89 -1.33 -11.85
N LEU C 137 -6.16 -1.18 -10.55
CA LEU C 137 -7.41 -1.63 -9.98
C LEU C 137 -8.62 -0.80 -10.42
N ILE C 138 -8.40 0.40 -10.94
CA ILE C 138 -9.49 1.26 -11.39
C ILE C 138 -9.19 1.74 -12.80
N LEU C 139 -10.04 1.35 -13.75
CA LEU C 139 -9.84 1.72 -15.15
C LEU C 139 -10.96 2.60 -15.69
N THR C 140 -11.78 3.18 -14.81
CA THR C 140 -12.77 4.12 -15.28
C THR C 140 -12.39 5.52 -14.81
N PRO C 141 -12.74 6.54 -15.60
CA PRO C 141 -12.59 7.91 -15.13
C PRO C 141 -13.56 8.15 -13.99
N PRO C 142 -13.26 9.08 -13.09
CA PRO C 142 -14.25 9.49 -12.10
C PRO C 142 -15.40 10.22 -12.78
N GLN C 143 -16.51 10.39 -12.06
CA GLN C 143 -17.63 11.14 -12.63
C GLN C 143 -17.21 12.59 -12.87
N LEU C 144 -17.67 13.16 -13.98
CA LEU C 144 -17.22 14.49 -14.41
C LEU C 144 -18.36 15.34 -14.97
N GLN C 152 -15.49 17.28 -24.12
CA GLN C 152 -15.24 15.98 -23.50
C GLN C 152 -13.92 15.95 -22.73
N ASP C 153 -14.00 15.63 -21.44
CA ASP C 153 -12.87 15.78 -20.54
C ASP C 153 -11.69 14.94 -21.03
N ILE C 154 -10.49 15.50 -20.86
CA ILE C 154 -9.30 14.74 -21.24
C ILE C 154 -9.20 13.45 -20.41
N LEU C 155 -9.75 13.45 -19.19
CA LEU C 155 -9.72 12.25 -18.35
C LEU C 155 -10.51 11.11 -18.97
N SER C 156 -11.63 11.43 -19.62
CA SER C 156 -12.39 10.39 -20.30
C SER C 156 -11.59 9.76 -21.43
N LYS C 157 -10.91 10.57 -22.24
CA LYS C 157 -10.13 10.03 -23.35
C LYS C 157 -8.95 9.21 -22.83
N LEU C 158 -8.27 9.71 -21.80
CA LEU C 158 -7.08 9.04 -21.29
C LEU C 158 -7.44 7.73 -20.59
N TYR C 159 -8.53 7.69 -19.84
CA TYR C 159 -8.92 6.44 -19.21
C TYR C 159 -9.36 5.40 -20.23
N LEU C 160 -9.97 5.85 -21.34
CA LEU C 160 -10.29 4.91 -22.42
C LEU C 160 -9.02 4.34 -23.04
N LEU C 161 -8.04 5.21 -23.31
CA LEU C 161 -6.74 4.73 -23.78
C LEU C 161 -6.09 3.79 -22.77
N LEU C 162 -6.19 4.12 -21.48
CA LEU C 162 -5.59 3.29 -20.43
C LEU C 162 -6.19 1.88 -20.46
N ALA C 163 -7.52 1.80 -20.53
CA ALA C 163 -8.19 0.50 -20.61
C ALA C 163 -7.78 -0.26 -21.87
N ARG C 164 -7.70 0.41 -23.01
CA ARG C 164 -7.28 -0.29 -24.24
C ARG C 164 -5.87 -0.84 -24.09
N VAL C 165 -4.95 -0.04 -23.52
CA VAL C 165 -3.56 -0.45 -23.34
C VAL C 165 -3.47 -1.74 -22.52
N PHE C 166 -4.15 -1.78 -21.37
CA PHE C 166 -4.08 -2.95 -20.51
C PHE C 166 -4.95 -4.11 -20.99
N GLU C 167 -5.82 -3.88 -21.98
CA GLU C 167 -6.50 -4.99 -22.65
C GLU C 167 -5.61 -5.59 -23.74
N ILE C 168 -4.99 -4.72 -24.55
CA ILE C 168 -4.17 -5.17 -25.68
C ILE C 168 -2.82 -5.70 -25.19
N TRP C 169 -2.19 -5.00 -24.26
CA TRP C 169 -0.83 -5.38 -23.84
C TRP C 169 -0.78 -6.10 -22.50
N PHE D 1 13.19 3.46 -17.00
CA PHE D 1 12.53 4.43 -16.12
C PHE D 1 13.40 5.67 -15.85
N THR D 2 13.07 6.74 -16.56
CA THR D 2 13.99 7.86 -16.71
C THR D 2 14.08 8.69 -15.44
N ALA D 3 15.11 9.53 -15.40
CA ALA D 3 15.30 10.45 -14.28
C ALA D 3 14.08 11.33 -14.07
N GLU D 4 13.53 11.87 -15.17
CA GLU D 4 12.40 12.77 -15.04
C GLU D 4 11.12 12.03 -14.70
N GLN D 5 11.03 10.73 -15.04
CA GLN D 5 9.92 9.92 -14.58
C GLN D 5 9.97 9.70 -13.07
N SER D 6 11.17 9.42 -12.52
CA SER D 6 11.30 9.27 -11.08
C SER D 6 11.03 10.57 -10.35
N GLU D 7 11.49 11.69 -10.90
CA GLU D 7 11.15 12.98 -10.33
C GLU D 7 9.63 13.18 -10.31
N LEU D 8 8.96 12.92 -11.44
CA LEU D 8 7.51 13.00 -11.48
C LEU D 8 6.88 12.05 -10.47
N LEU D 9 7.35 10.80 -10.43
CA LEU D 9 6.78 9.83 -9.50
C LEU D 9 6.95 10.29 -8.05
N LYS D 10 8.10 10.87 -7.73
CA LYS D 10 8.31 11.41 -6.38
C LYS D 10 7.35 12.56 -6.10
N ALA D 11 7.18 13.47 -7.05
CA ALA D 11 6.27 14.58 -6.80
C ALA D 11 4.84 14.09 -6.59
N GLN D 12 4.44 13.04 -7.32
CA GLN D 12 3.06 12.54 -7.22
C GLN D 12 2.80 11.85 -5.89
N ILE D 13 3.74 11.00 -5.44
CA ILE D 13 3.57 10.32 -4.16
C ILE D 13 3.46 11.34 -3.04
N THR D 14 4.39 12.30 -3.00
CA THR D 14 4.38 13.34 -1.98
C THR D 14 3.07 14.13 -2.01
N SER D 15 2.59 14.45 -3.22
CA SER D 15 1.39 15.29 -3.33
C SER D 15 0.17 14.54 -2.83
N LEU D 16 0.09 13.24 -3.14
CA LEU D 16 -0.99 12.42 -2.60
C LEU D 16 -0.97 12.43 -1.07
N LYS D 17 0.20 12.24 -0.48
CA LYS D 17 0.28 12.20 0.98
C LYS D 17 -0.12 13.54 1.59
N CYS D 18 0.31 14.65 0.97
CA CYS D 18 -0.11 15.96 1.45
C CYS D 18 -1.62 16.13 1.34
N LEU D 19 -2.21 15.74 0.22
CA LEU D 19 -3.63 15.98 0.02
C LEU D 19 -4.49 15.12 0.94
N VAL D 20 -4.11 13.86 1.16
CA VAL D 20 -4.89 13.04 2.09
C VAL D 20 -4.74 13.53 3.52
N ASN D 21 -3.65 14.22 3.84
CA ASN D 21 -3.42 14.80 5.17
C ASN D 21 -3.89 16.25 5.28
N ARG D 22 -4.47 16.81 4.22
CA ARG D 22 -4.86 18.22 4.17
C ARG D 22 -3.72 19.15 4.55
N LYS D 23 -2.49 18.76 4.22
CA LYS D 23 -1.32 19.62 4.30
C LYS D 23 -0.99 20.20 2.92
N PRO D 24 -0.30 21.33 2.88
CA PRO D 24 -0.03 21.95 1.58
C PRO D 24 1.08 21.24 0.81
N ILE D 25 0.95 21.24 -0.51
CA ILE D 25 1.97 20.60 -1.33
C ILE D 25 3.14 21.55 -1.49
N PRO D 26 4.35 21.15 -1.11
CA PRO D 26 5.52 22.00 -1.35
C PRO D 26 5.62 22.38 -2.81
N PHE D 27 6.02 23.63 -3.06
CA PHE D 27 5.92 24.22 -4.39
C PHE D 27 6.84 23.52 -5.40
N GLU D 28 7.96 22.97 -4.95
CA GLU D 28 8.81 22.22 -5.86
C GLU D 28 8.03 21.10 -6.55
N PHE D 29 7.17 20.41 -5.80
CA PHE D 29 6.41 19.30 -6.36
C PHE D 29 5.27 19.79 -7.25
N GLN D 30 4.64 20.92 -6.91
CA GLN D 30 3.65 21.48 -7.82
C GLN D 30 4.29 21.83 -9.17
N ALA D 31 5.52 22.35 -9.15
CA ALA D 31 6.23 22.68 -10.40
C ALA D 31 6.49 21.42 -11.25
N VAL D 32 6.88 20.32 -10.61
CA VAL D 32 7.09 19.08 -11.35
C VAL D 32 5.79 18.65 -12.03
N ILE D 33 4.67 18.77 -11.31
CA ILE D 33 3.36 18.39 -11.86
C ILE D 33 2.97 19.28 -13.01
N GLN D 34 3.19 20.59 -12.87
CA GLN D 34 2.81 21.51 -13.94
C GLN D 34 3.64 21.27 -15.18
N LYS D 35 4.91 20.92 -15.01
CA LYS D 35 5.75 20.64 -16.17
C LYS D 35 5.30 19.38 -16.89
N SER D 36 4.93 18.35 -16.12
CA SER D 36 4.31 17.14 -16.67
C SER D 36 3.12 17.49 -17.56
N ILE D 37 2.24 18.35 -17.07
CA ILE D 37 1.06 18.69 -17.85
C ILE D 37 1.43 19.58 -19.03
N ASN D 38 2.50 20.38 -18.90
CA ASN D 38 2.97 21.17 -20.03
C ASN D 38 3.55 20.32 -21.14
N HIS D 39 4.03 19.11 -20.82
CA HIS D 39 4.74 18.25 -21.77
C HIS D 39 4.18 16.84 -21.74
N PRO D 40 2.99 16.63 -22.29
CA PRO D 40 2.38 15.29 -22.26
C PRO D 40 3.17 14.30 -23.11
N PRO D 41 3.10 13.01 -22.79
CA PRO D 41 3.66 11.99 -23.68
C PRO D 41 2.94 11.99 -25.03
N ASP D 42 3.52 11.27 -25.98
CA ASP D 42 3.02 11.20 -27.35
C ASP D 42 1.92 10.15 -27.43
N PHE D 43 0.68 10.55 -27.12
CA PHE D 43 -0.43 9.60 -27.17
C PHE D 43 -0.79 9.20 -28.60
N LYS D 44 -0.34 9.96 -29.60
CA LYS D 44 -0.60 9.58 -30.99
C LYS D 44 0.19 8.32 -31.35
N ARG D 45 1.49 8.29 -31.08
CA ARG D 45 2.26 7.07 -31.28
C ARG D 45 1.73 5.92 -30.44
N MET D 46 1.18 6.21 -29.26
CA MET D 46 0.56 5.17 -28.44
C MET D 46 -0.64 4.56 -29.15
N LEU D 47 -1.62 5.39 -29.48
CA LEU D 47 -2.83 4.90 -30.15
C LEU D 47 -2.49 4.18 -31.45
N LEU D 48 -1.50 4.69 -32.19
CA LEU D 48 -1.06 4.00 -33.39
C LEU D 48 -0.35 2.69 -33.07
N SER D 49 0.51 2.68 -32.04
CA SER D 49 1.17 1.44 -31.63
C SER D 49 0.16 0.36 -31.28
N LEU D 50 -1.04 0.76 -30.84
CA LEU D 50 -2.05 -0.18 -30.40
C LEU D 50 -2.79 -0.88 -31.53
N SER D 51 -2.67 -0.38 -32.76
CA SER D 51 -3.34 -1.02 -33.90
C SER D 51 -2.37 -1.34 -35.03
#